data_6IGL
#
_entry.id   6IGL
#
_cell.length_a   99.980
_cell.length_b   303.860
_cell.length_c   60.160
_cell.angle_alpha   90.000
_cell.angle_beta   90.000
_cell.angle_gamma   90.000
#
_symmetry.space_group_name_H-M   'C 2 2 21'
#
loop_
_entity.id
_entity.type
_entity.pdbx_description
1 polymer 'Endothelin receptor type B,Endolysin,Endothelin receptor type B'
2 polymer IRL1620
3 non-polymer 'CITRIC ACID'
4 non-polymer 'SULFATE ION'
5 non-polymer '(2R)-2,3-dihydroxypropyl (9Z)-octadec-9-enoate'
6 water water
#
loop_
_entity_poly.entity_id
_entity_poly.type
_entity_poly.pdbx_seq_one_letter_code
_entity_poly.pdbx_strand_id
1 'polypeptide(L)'
;GGGLAPAEVPKGDRTAGSPPRTISPPPCQGPIEIKETFKYINTVVSCLVFVLGIIGNSTLLYIIYKNKCMRNGPNILIAS
LALGDLLHIVIAIPINVYKLLAEDWPFGAEMCKLVPFIQKASVGITVLSLCALSIDRYRAVASWSRIKGIGVPKWTAVEI
VLIWVVSVVLAVPEAIGFDIITMDYKGSYLRICLLHPVQKTAFMQFYATAKDWWLFSFYFCLPLAITAFFYTLMTCEMLR
KNIFEMLRIDEGLRLKIYKDTEGYYTIGIGHLLTKSPSLNAAKSELDKAIGRNTNGVITKDEAEKLFNQDVDAAVRGILR
NAKLKPVYDSLDAVRRAALINMVFQMGETGVAGFTNSLRMLQQKRWDEAAVNLAKSRWYNQTPNRAKRVITTFRTGTWDA
YLNDHLKQRREVAKTVFCLVLVFALCWLPLHLARILKLTLYNQNDPNRCELLSFLLVLDYIGINMASLNSCANPIALYLV
SKRFKNAFKSALCCWAQS
;
A
2 'polypeptide(L)' (SIN)DEEAVYFAHLDIIW B
#
loop_
_chem_comp.id
_chem_comp.type
_chem_comp.name
_chem_comp.formula
CIT non-polymer 'CITRIC ACID' 'C6 H8 O7'
OLC non-polymer '(2R)-2,3-dihydroxypropyl (9Z)-octadec-9-enoate' 'C21 H40 O4'
SIN non-polymer 'SUCCINIC ACID' 'C4 H6 O4'
SO4 non-polymer 'SULFATE ION' 'O4 S -2'
#
# COMPACT_ATOMS: atom_id res chain seq x y z
N PRO A 25 30.72 -3.57 31.88
CA PRO A 25 31.37 -3.80 33.17
C PRO A 25 31.27 -2.65 34.21
N PRO A 26 31.39 -1.38 33.81
CA PRO A 26 31.28 -0.31 34.79
C PRO A 26 29.89 -0.29 35.41
N PRO A 27 29.77 0.21 36.64
CA PRO A 27 28.46 0.22 37.31
C PRO A 27 27.52 1.28 36.76
N CYS A 28 26.37 1.46 37.41
CA CYS A 28 25.34 2.37 36.94
C CYS A 28 24.71 3.08 38.12
N GLN A 29 24.23 4.31 37.86
CA GLN A 29 23.69 5.17 38.91
C GLN A 29 22.29 4.76 39.36
N GLY A 30 21.70 3.73 38.77
CA GLY A 30 20.37 3.31 39.15
C GLY A 30 20.01 1.94 38.61
N PRO A 31 18.94 1.35 39.16
CA PRO A 31 18.47 0.06 38.66
C PRO A 31 17.51 0.22 37.49
N ILE A 32 17.66 -0.64 36.49
CA ILE A 32 16.76 -0.65 35.34
C ILE A 32 15.36 -0.95 35.83
N GLU A 33 14.45 0.00 35.66
CA GLU A 33 13.12 -0.14 36.23
C GLU A 33 12.11 0.62 35.39
N ILE A 34 10.83 0.29 35.62
CA ILE A 34 9.70 0.98 35.01
C ILE A 34 8.80 1.47 36.13
N LYS A 35 8.34 2.71 36.00
CA LYS A 35 7.45 3.28 37.02
C LYS A 35 6.14 2.50 37.07
N GLU A 36 5.66 2.25 38.29
CA GLU A 36 4.36 1.62 38.45
C GLU A 36 3.26 2.47 37.83
N THR A 37 3.46 3.79 37.78
CA THR A 37 2.53 4.66 37.07
C THR A 37 2.43 4.27 35.60
N PHE A 38 3.56 3.94 34.97
CA PHE A 38 3.53 3.50 33.58
C PHE A 38 2.85 2.16 33.43
N LYS A 39 3.12 1.22 34.34
CA LYS A 39 2.58 -0.13 34.23
C LYS A 39 1.05 -0.14 34.28
N TYR A 40 0.44 0.81 34.97
CA TYR A 40 -1.01 0.88 35.10
C TYR A 40 -1.67 1.59 33.92
N ILE A 41 -1.00 2.58 33.34
CA ILE A 41 -1.55 3.27 32.18
C ILE A 41 -1.48 2.38 30.94
N ASN A 42 -0.32 1.77 30.70
CA ASN A 42 -0.15 0.94 29.51
C ASN A 42 -1.05 -0.28 29.54
N THR A 43 -1.25 -0.87 30.73
CA THR A 43 -2.11 -2.05 30.84
C THR A 43 -3.55 -1.72 30.44
N VAL A 44 -4.02 -0.53 30.81
CA VAL A 44 -5.36 -0.10 30.39
C VAL A 44 -5.41 0.03 28.87
N VAL A 45 -4.35 0.58 28.27
CA VAL A 45 -4.29 0.69 26.82
C VAL A 45 -4.25 -0.69 26.18
N SER A 46 -3.48 -1.62 26.77
CA SER A 46 -3.38 -2.96 26.22
C SER A 46 -4.70 -3.71 26.30
N CYS A 47 -5.54 -3.40 27.30
CA CYS A 47 -6.85 -4.03 27.39
C CYS A 47 -7.77 -3.58 26.27
N LEU A 48 -7.69 -2.29 25.90
CA LEU A 48 -8.56 -1.78 24.86
C LEU A 48 -8.17 -2.31 23.49
N VAL A 49 -6.86 -2.36 23.20
CA VAL A 49 -6.39 -2.85 21.91
C VAL A 49 -6.78 -4.32 21.74
N PHE A 50 -6.74 -5.09 22.83
CA PHE A 50 -7.07 -6.51 22.74
C PHE A 50 -8.55 -6.73 22.47
N VAL A 51 -9.42 -6.00 23.18
CA VAL A 51 -10.85 -6.19 23.00
C VAL A 51 -11.30 -5.70 21.63
N LEU A 52 -10.80 -4.53 21.21
CA LEU A 52 -11.17 -4.01 19.90
C LEU A 52 -10.54 -4.82 18.77
N GLY A 53 -9.35 -5.37 18.99
CA GLY A 53 -8.72 -6.18 17.96
C GLY A 53 -9.44 -7.50 17.74
N ILE A 54 -9.85 -8.17 18.82
CA ILE A 54 -10.55 -9.44 18.68
C ILE A 54 -11.91 -9.21 18.02
N ILE A 55 -12.63 -8.17 18.42
CA ILE A 55 -13.95 -7.90 17.85
C ILE A 55 -13.83 -7.48 16.39
N GLY A 56 -12.89 -6.58 16.10
CA GLY A 56 -12.76 -6.09 14.73
C GLY A 56 -12.32 -7.16 13.76
N ASN A 57 -11.34 -7.97 14.15
CA ASN A 57 -10.84 -9.01 13.26
C ASN A 57 -11.84 -10.15 13.11
N SER A 58 -12.57 -10.48 14.17
CA SER A 58 -13.56 -11.56 14.08
C SER A 58 -14.73 -11.15 13.21
N THR A 59 -15.23 -9.93 13.38
CA THR A 59 -16.33 -9.45 12.55
C THR A 59 -15.87 -9.26 11.11
N LEU A 60 -14.62 -8.83 10.92
CA LEU A 60 -14.09 -8.70 9.56
C LEU A 60 -14.04 -10.06 8.86
N LEU A 61 -13.59 -11.09 9.57
CA LEU A 61 -13.61 -12.44 9.00
C LEU A 61 -15.03 -12.96 8.88
N TYR A 62 -15.95 -12.45 9.71
CA TYR A 62 -17.33 -12.92 9.65
C TYR A 62 -18.05 -12.39 8.41
N ILE A 63 -17.88 -11.09 8.13
CA ILE A 63 -18.58 -10.51 6.99
C ILE A 63 -18.00 -11.02 5.68
N ILE A 64 -16.70 -11.35 5.66
CA ILE A 64 -16.12 -11.91 4.45
C ILE A 64 -16.64 -13.32 4.21
N TYR A 65 -16.92 -14.07 5.28
CA TYR A 65 -17.46 -15.42 5.13
C TYR A 65 -18.95 -15.40 4.80
N LYS A 66 -19.72 -14.55 5.48
CA LYS A 66 -21.17 -14.55 5.31
C LYS A 66 -21.58 -14.02 3.94
N ASN A 67 -21.22 -12.76 3.66
CA ASN A 67 -21.63 -12.14 2.40
C ASN A 67 -20.94 -12.82 1.23
N LYS A 68 -21.72 -13.17 0.20
CA LYS A 68 -21.18 -13.85 -0.97
C LYS A 68 -20.59 -12.88 -1.99
N CYS A 69 -21.02 -11.61 -1.97
CA CYS A 69 -20.41 -10.60 -2.82
C CYS A 69 -18.98 -10.26 -2.41
N MET A 70 -18.56 -10.65 -1.21
CA MET A 70 -17.22 -10.36 -0.70
C MET A 70 -16.32 -11.59 -0.68
N ARG A 71 -16.70 -12.64 -1.40
CA ARG A 71 -15.93 -13.88 -1.45
C ARG A 71 -15.14 -13.93 -2.76
N ASN A 72 -14.10 -13.09 -2.82
CA ASN A 72 -13.26 -12.98 -4.00
C ASN A 72 -11.79 -13.04 -3.60
N GLY A 73 -10.92 -12.99 -4.62
CA GLY A 73 -9.49 -13.06 -4.43
C GLY A 73 -8.93 -12.04 -3.46
N PRO A 74 -9.12 -10.74 -3.75
CA PRO A 74 -8.54 -9.72 -2.87
C PRO A 74 -9.02 -9.80 -1.42
N ASN A 75 -10.29 -10.15 -1.20
CA ASN A 75 -10.79 -10.24 0.18
C ASN A 75 -10.26 -11.48 0.89
N ILE A 76 -10.00 -12.55 0.15
CA ILE A 76 -9.40 -13.74 0.75
C ILE A 76 -8.01 -13.41 1.27
N LEU A 77 -7.23 -12.66 0.48
CA LEU A 77 -5.94 -12.18 0.98
C LEU A 77 -6.10 -11.27 2.18
N ILE A 78 -7.20 -10.51 2.23
CA ILE A 78 -7.48 -9.70 3.41
C ILE A 78 -7.79 -10.59 4.60
N ALA A 79 -8.52 -11.69 4.38
CA ALA A 79 -8.82 -12.62 5.47
C ALA A 79 -7.55 -13.26 6.00
N SER A 80 -6.62 -13.60 5.11
CA SER A 80 -5.31 -14.11 5.55
C SER A 80 -4.59 -13.06 6.39
N LEU A 81 -4.68 -11.79 5.99
CA LEU A 81 -4.15 -10.71 6.81
C LEU A 81 -4.90 -10.60 8.13
N ALA A 82 -6.22 -10.81 8.11
CA ALA A 82 -7.00 -10.70 9.33
C ALA A 82 -6.71 -11.83 10.29
N LEU A 83 -6.51 -13.05 9.77
CA LEU A 83 -6.18 -14.18 10.63
C LEU A 83 -4.80 -14.00 11.25
N GLY A 84 -3.82 -13.56 10.46
CA GLY A 84 -2.49 -13.32 10.99
C GLY A 84 -2.49 -12.28 12.10
N ASP A 85 -3.26 -11.21 11.93
CA ASP A 85 -3.41 -10.23 12.99
C ASP A 85 -4.18 -10.80 14.17
N LEU A 86 -5.25 -11.56 13.90
CA LEU A 86 -5.99 -12.20 14.98
C LEU A 86 -5.12 -13.21 15.71
N LEU A 87 -4.18 -13.84 15.01
CA LEU A 87 -3.26 -14.75 15.68
C LEU A 87 -2.23 -13.98 16.51
N HIS A 88 -1.72 -12.88 15.98
CA HIS A 88 -0.71 -12.09 16.69
C HIS A 88 -1.30 -11.47 17.96
N ILE A 89 -2.47 -10.84 17.84
CA ILE A 89 -3.09 -10.20 19.00
C ILE A 89 -3.36 -11.19 20.12
N VAL A 90 -3.48 -12.48 19.81
CA VAL A 90 -3.83 -13.47 20.82
C VAL A 90 -2.60 -13.88 21.62
N ILE A 91 -1.43 -13.97 20.98
CA ILE A 91 -0.23 -14.46 21.66
C ILE A 91 0.73 -13.34 22.05
N ALA A 92 0.44 -12.10 21.69
CA ALA A 92 1.35 -10.99 21.97
C ALA A 92 0.93 -10.17 23.19
N ILE A 93 -0.29 -9.65 23.18
CA ILE A 93 -0.78 -8.79 24.26
C ILE A 93 -0.97 -9.58 25.55
N PRO A 94 -1.67 -10.72 25.56
CA PRO A 94 -1.92 -11.40 26.84
C PRO A 94 -0.66 -11.86 27.57
N ILE A 95 0.47 -12.01 26.88
CA ILE A 95 1.67 -12.52 27.52
C ILE A 95 2.60 -11.38 27.88
N ASN A 96 2.56 -10.30 27.09
CA ASN A 96 3.35 -9.11 27.42
C ASN A 96 2.68 -8.26 28.50
N VAL A 97 1.36 -8.39 28.66
CA VAL A 97 0.69 -7.77 29.80
C VAL A 97 1.10 -8.45 31.09
N TYR A 98 1.13 -9.79 31.09
CA TYR A 98 1.59 -10.52 32.26
C TYR A 98 3.06 -10.27 32.53
N LYS A 99 3.89 -10.30 31.49
CA LYS A 99 5.32 -10.03 31.65
C LYS A 99 5.56 -8.65 32.24
N LEU A 100 4.64 -7.71 32.01
CA LEU A 100 4.76 -6.38 32.58
C LEU A 100 4.40 -6.37 34.06
N LEU A 101 3.27 -7.00 34.42
CA LEU A 101 2.75 -6.91 35.78
C LEU A 101 3.45 -7.88 36.72
N ALA A 102 3.62 -9.14 36.29
CA ALA A 102 4.15 -10.18 37.17
C ALA A 102 5.67 -10.28 37.15
N GLU A 103 6.31 -9.84 36.07
CA GLU A 103 7.78 -9.71 36.01
C GLU A 103 8.48 -11.06 36.14
N ASP A 104 7.86 -12.13 35.67
CA ASP A 104 8.44 -13.47 35.76
C ASP A 104 7.86 -14.34 34.67
N TRP A 105 8.58 -15.42 34.35
CA TRP A 105 8.16 -16.38 33.32
C TRP A 105 7.80 -17.72 33.96
N PRO A 106 6.52 -17.99 34.23
CA PRO A 106 6.15 -19.29 34.80
C PRO A 106 5.37 -20.17 33.84
N PHE A 107 5.95 -20.51 32.69
CA PHE A 107 5.24 -21.30 31.69
C PHE A 107 6.09 -22.46 31.14
N GLY A 108 7.26 -22.72 31.70
CA GLY A 108 8.10 -23.79 31.22
C GLY A 108 8.83 -23.42 29.94
N ALA A 109 9.68 -24.35 29.50
CA ALA A 109 10.50 -24.13 28.31
C ALA A 109 9.76 -24.39 27.02
N GLU A 110 8.57 -25.00 27.07
CA GLU A 110 7.81 -25.24 25.85
C GLU A 110 7.14 -23.95 25.36
N MET A 111 6.47 -23.24 26.26
CA MET A 111 5.87 -21.96 25.88
C MET A 111 6.92 -20.91 25.58
N CYS A 112 8.12 -21.05 26.15
CA CYS A 112 9.19 -20.11 25.85
C CYS A 112 9.66 -20.25 24.40
N LYS A 113 9.52 -21.44 23.83
CA LYS A 113 9.81 -21.65 22.41
C LYS A 113 8.59 -21.47 21.53
N LEU A 114 7.40 -21.71 22.07
CA LEU A 114 6.19 -21.71 21.26
C LEU A 114 5.68 -20.29 21.01
N VAL A 115 5.72 -19.43 22.01
CA VAL A 115 5.12 -18.10 21.91
C VAL A 115 5.84 -17.23 20.88
N PRO A 116 7.18 -17.06 20.93
CA PRO A 116 7.83 -16.24 19.91
C PRO A 116 7.78 -16.86 18.52
N PHE A 117 7.65 -18.18 18.43
CA PHE A 117 7.52 -18.85 17.14
C PHE A 117 6.19 -18.48 16.47
N ILE A 118 5.08 -18.60 17.22
CA ILE A 118 3.78 -18.21 16.68
C ILE A 118 3.74 -16.73 16.38
N GLN A 119 4.46 -15.92 17.16
CA GLN A 119 4.46 -14.47 16.94
C GLN A 119 5.08 -14.13 15.59
N LYS A 120 6.33 -14.53 15.38
CA LYS A 120 6.99 -14.27 14.10
C LYS A 120 6.29 -14.95 12.94
N ALA A 121 5.56 -16.04 13.21
CA ALA A 121 4.78 -16.68 12.16
C ALA A 121 3.60 -15.81 11.76
N SER A 122 2.84 -15.32 12.74
CA SER A 122 1.67 -14.50 12.44
C SER A 122 2.07 -13.18 11.78
N VAL A 123 3.19 -12.60 12.20
CA VAL A 123 3.65 -11.36 11.59
C VAL A 123 4.06 -11.60 10.14
N GLY A 124 4.75 -12.71 9.88
CA GLY A 124 5.09 -13.04 8.51
C GLY A 124 3.89 -13.28 7.62
N ILE A 125 2.82 -13.83 8.20
CA ILE A 125 1.58 -14.05 7.44
C ILE A 125 1.00 -12.72 6.98
N THR A 126 1.05 -11.70 7.85
CA THR A 126 0.42 -10.42 7.51
C THR A 126 1.24 -9.64 6.50
N VAL A 127 2.57 -9.66 6.60
CA VAL A 127 3.38 -8.88 5.67
C VAL A 127 3.37 -9.51 4.28
N LEU A 128 3.26 -10.85 4.21
CA LEU A 128 3.22 -11.50 2.91
C LEU A 128 1.83 -11.42 2.28
N SER A 129 0.77 -11.45 3.10
CA SER A 129 -0.57 -11.22 2.57
C SER A 129 -0.72 -9.78 2.07
N LEU A 130 -0.14 -8.82 2.79
CA LEU A 130 -0.08 -7.45 2.31
C LEU A 130 0.66 -7.37 0.98
N CYS A 131 1.83 -8.02 0.90
CA CYS A 131 2.59 -8.00 -0.34
C CYS A 131 1.83 -8.69 -1.47
N ALA A 132 1.16 -9.80 -1.17
CA ALA A 132 0.37 -10.48 -2.20
C ALA A 132 -0.82 -9.63 -2.64
N LEU A 133 -1.41 -8.88 -1.72
CA LEU A 133 -2.55 -8.04 -2.09
C LEU A 133 -2.13 -6.92 -3.04
N SER A 134 -0.98 -6.30 -2.78
CA SER A 134 -0.50 -5.24 -3.67
C SER A 134 -0.17 -5.79 -5.05
N ILE A 135 0.41 -6.99 -5.11
CA ILE A 135 0.70 -7.59 -6.40
C ILE A 135 -0.57 -7.97 -7.13
N ASP A 136 -1.55 -8.51 -6.40
CA ASP A 136 -2.80 -8.93 -7.03
C ASP A 136 -3.55 -7.74 -7.61
N ARG A 137 -3.63 -6.63 -6.87
CA ARG A 137 -4.37 -5.48 -7.36
C ARG A 137 -3.67 -4.79 -8.53
N TYR A 138 -2.35 -4.89 -8.59
CA TYR A 138 -1.64 -4.34 -9.75
C TYR A 138 -1.96 -5.12 -11.02
N ARG A 139 -2.00 -6.46 -10.93
CA ARG A 139 -2.30 -7.27 -12.09
C ARG A 139 -3.77 -7.15 -12.51
N ALA A 140 -4.64 -6.70 -11.62
CA ALA A 140 -6.07 -6.64 -11.91
C ALA A 140 -6.47 -5.39 -12.67
N VAL A 141 -5.59 -4.40 -12.78
CA VAL A 141 -5.97 -3.13 -13.41
C VAL A 141 -6.24 -3.34 -14.90
N ALA A 142 -5.50 -4.24 -15.52
CA ALA A 142 -5.58 -4.37 -16.98
C ALA A 142 -6.94 -4.90 -17.41
N SER A 143 -7.64 -5.62 -16.53
CA SER A 143 -8.90 -6.24 -16.86
C SER A 143 -10.01 -5.68 -15.98
N TRP A 144 -11.11 -5.26 -16.59
CA TRP A 144 -12.24 -4.74 -15.83
C TRP A 144 -12.88 -5.81 -14.95
N SER A 145 -12.86 -7.07 -15.40
CA SER A 145 -13.43 -8.15 -14.59
C SER A 145 -12.63 -8.37 -13.31
N ARG A 146 -11.30 -8.24 -13.39
CA ARG A 146 -10.47 -8.50 -12.23
C ARG A 146 -10.50 -7.35 -11.22
N ILE A 147 -10.52 -6.11 -11.70
CA ILE A 147 -10.51 -4.97 -10.78
C ILE A 147 -11.82 -4.87 -10.01
N LYS A 148 -12.91 -5.44 -10.53
CA LYS A 148 -14.14 -5.54 -9.75
C LYS A 148 -14.04 -6.59 -8.65
N GLY A 149 -13.07 -7.48 -8.73
CA GLY A 149 -12.92 -8.56 -7.76
C GLY A 149 -14.10 -9.51 -7.79
N ILE A 150 -14.31 -10.16 -8.93
CA ILE A 150 -15.43 -11.08 -9.12
C ILE A 150 -14.88 -12.50 -9.14
N GLY A 151 -15.36 -13.34 -8.22
CA GLY A 151 -14.92 -14.71 -8.15
C GLY A 151 -13.57 -14.85 -7.48
N VAL A 152 -13.16 -16.10 -7.31
CA VAL A 152 -11.89 -16.46 -6.69
C VAL A 152 -10.99 -17.04 -7.77
N PRO A 153 -9.81 -16.47 -8.02
CA PRO A 153 -8.89 -17.06 -9.01
C PRO A 153 -8.46 -18.46 -8.61
N LYS A 154 -7.85 -19.16 -9.57
CA LYS A 154 -7.42 -20.54 -9.35
C LYS A 154 -6.34 -20.61 -8.28
N TRP A 155 -5.18 -20.01 -8.57
CA TRP A 155 -4.02 -20.14 -7.68
C TRP A 155 -4.13 -19.31 -6.41
N THR A 156 -5.32 -18.82 -6.07
CA THR A 156 -5.50 -18.15 -4.79
C THR A 156 -5.24 -19.11 -3.63
N ALA A 157 -5.75 -20.34 -3.74
CA ALA A 157 -5.59 -21.30 -2.66
C ALA A 157 -4.14 -21.66 -2.44
N VAL A 158 -3.41 -21.99 -3.52
CA VAL A 158 -2.02 -22.41 -3.38
C VAL A 158 -1.13 -21.24 -2.97
N GLU A 159 -1.54 -20.00 -3.23
CA GLU A 159 -0.74 -18.86 -2.79
C GLU A 159 -0.85 -18.66 -1.29
N ILE A 160 -2.05 -18.88 -0.73
CA ILE A 160 -2.23 -18.74 0.71
C ILE A 160 -1.44 -19.80 1.46
N VAL A 161 -1.49 -21.05 0.99
CA VAL A 161 -0.77 -22.12 1.67
C VAL A 161 0.73 -21.90 1.56
N LEU A 162 1.19 -21.24 0.50
CA LEU A 162 2.61 -20.88 0.42
C LEU A 162 2.94 -19.76 1.38
N ILE A 163 2.04 -18.79 1.53
CA ILE A 163 2.27 -17.67 2.44
C ILE A 163 2.41 -18.17 3.87
N TRP A 164 1.49 -19.06 4.29
CA TRP A 164 1.52 -19.56 5.66
C TRP A 164 2.69 -20.50 5.89
N VAL A 165 3.04 -21.33 4.90
CA VAL A 165 4.14 -22.26 5.06
C VAL A 165 5.47 -21.52 5.15
N VAL A 166 5.69 -20.56 4.23
CA VAL A 166 6.92 -19.78 4.28
C VAL A 166 7.00 -18.95 5.56
N SER A 167 5.85 -18.54 6.09
CA SER A 167 5.84 -17.75 7.32
C SER A 167 6.32 -18.58 8.51
N VAL A 168 5.85 -19.82 8.63
CA VAL A 168 6.23 -20.63 9.78
C VAL A 168 7.64 -21.17 9.61
N VAL A 169 8.09 -21.39 8.37
CA VAL A 169 9.46 -21.84 8.15
C VAL A 169 10.46 -20.77 8.58
N LEU A 170 10.18 -19.51 8.23
CA LEU A 170 11.06 -18.42 8.65
C LEU A 170 10.98 -18.15 10.14
N ALA A 171 9.91 -18.57 10.80
CA ALA A 171 9.78 -18.42 12.24
C ALA A 171 10.42 -19.57 13.01
N VAL A 172 10.91 -20.60 12.32
CA VAL A 172 11.51 -21.75 13.01
C VAL A 172 12.74 -21.37 13.83
N PRO A 173 13.69 -20.57 13.34
CA PRO A 173 14.85 -20.24 14.18
C PRO A 173 14.48 -19.58 15.50
N GLU A 174 13.32 -18.92 15.56
CA GLU A 174 12.89 -18.32 16.82
C GLU A 174 12.50 -19.38 17.84
N ALA A 175 12.02 -20.54 17.39
CA ALA A 175 11.58 -21.57 18.32
C ALA A 175 12.77 -22.26 18.97
N ILE A 176 13.72 -22.74 18.17
CA ILE A 176 14.78 -23.57 18.72
C ILE A 176 15.76 -22.76 19.55
N GLY A 177 15.91 -21.47 19.24
CA GLY A 177 16.90 -20.64 19.92
C GLY A 177 16.49 -20.11 21.27
N PHE A 178 15.20 -20.15 21.59
CA PHE A 178 14.70 -19.65 22.86
C PHE A 178 14.81 -20.73 23.94
N ASP A 179 15.06 -20.28 25.17
CA ASP A 179 15.15 -21.18 26.31
C ASP A 179 15.00 -20.34 27.58
N ILE A 180 14.95 -21.03 28.71
CA ILE A 180 14.81 -20.39 30.01
C ILE A 180 16.19 -20.30 30.66
N ILE A 181 16.60 -19.10 31.01
CA ILE A 181 17.83 -18.86 31.75
C ILE A 181 17.48 -18.72 33.22
N THR A 182 18.30 -19.32 34.07
CA THR A 182 18.21 -19.14 35.52
C THR A 182 19.51 -18.51 35.99
N MET A 183 19.43 -17.26 36.47
CA MET A 183 20.61 -16.48 36.80
C MET A 183 20.44 -15.84 38.16
N ASP A 184 21.48 -15.10 38.57
CA ASP A 184 21.52 -14.41 39.85
C ASP A 184 21.79 -12.93 39.58
N TYR A 185 20.77 -12.09 39.79
CA TYR A 185 20.89 -10.65 39.61
C TYR A 185 20.79 -10.00 40.99
N LYS A 186 21.96 -9.70 41.56
CA LYS A 186 22.04 -9.01 42.86
C LYS A 186 21.31 -9.78 43.96
N GLY A 187 21.48 -11.11 43.96
CA GLY A 187 20.87 -11.93 44.98
C GLY A 187 19.44 -12.32 44.75
N SER A 188 18.91 -12.10 43.55
CA SER A 188 17.53 -12.43 43.21
C SER A 188 17.49 -13.56 42.21
N TYR A 189 16.53 -14.48 42.40
CA TYR A 189 16.36 -15.62 41.51
C TYR A 189 15.48 -15.22 40.33
N LEU A 190 15.98 -15.45 39.12
CA LEU A 190 15.34 -14.97 37.90
C LEU A 190 15.14 -16.14 36.95
N ARG A 191 13.89 -16.37 36.55
CA ARG A 191 13.56 -17.25 35.43
C ARG A 191 13.34 -16.35 34.21
N ILE A 192 14.25 -16.41 33.25
CA ILE A 192 14.27 -15.50 32.12
C ILE A 192 14.07 -16.30 30.85
N CYS A 193 12.93 -16.12 30.19
CA CYS A 193 12.70 -16.66 28.86
C CYS A 193 13.27 -15.69 27.83
N LEU A 194 14.27 -16.14 27.09
CA LEU A 194 14.99 -15.27 26.18
C LEU A 194 15.68 -16.10 25.11
N LEU A 195 16.27 -15.41 24.14
CA LEU A 195 17.14 -16.04 23.16
C LEU A 195 18.50 -16.26 23.79
N HIS A 196 18.92 -17.53 23.87
CA HIS A 196 20.14 -17.87 24.59
C HIS A 196 21.34 -17.19 23.92
N PRO A 197 22.22 -16.54 24.68
CA PRO A 197 23.37 -15.88 24.06
C PRO A 197 24.29 -16.82 23.30
N VAL A 198 24.54 -18.02 23.83
CA VAL A 198 25.39 -19.01 23.17
C VAL A 198 24.51 -20.15 22.66
N GLN A 199 24.70 -20.51 21.40
CA GLN A 199 23.94 -21.57 20.75
C GLN A 199 24.90 -22.69 20.33
N LYS A 200 24.36 -23.90 20.23
CA LYS A 200 25.19 -25.04 19.82
C LYS A 200 25.67 -24.88 18.38
N THR A 201 24.73 -24.86 17.43
CA THR A 201 25.09 -24.78 16.02
C THR A 201 25.65 -23.39 15.70
N ALA A 202 26.45 -23.33 14.62
CA ALA A 202 27.07 -22.08 14.22
C ALA A 202 26.09 -21.14 13.53
N PHE A 203 25.13 -21.69 12.78
CA PHE A 203 24.13 -20.86 12.14
C PHE A 203 23.27 -20.12 13.16
N MET A 204 22.82 -20.84 14.20
CA MET A 204 21.99 -20.23 15.22
C MET A 204 22.77 -19.21 16.04
N GLN A 205 24.06 -19.48 16.28
CA GLN A 205 24.90 -18.49 16.95
C GLN A 205 25.00 -17.21 16.15
N PHE A 206 24.89 -17.30 14.82
CA PHE A 206 24.86 -16.12 13.98
C PHE A 206 23.49 -15.47 13.94
N TYR A 207 22.42 -16.27 14.05
CA TYR A 207 21.07 -15.72 14.04
C TYR A 207 20.81 -14.83 15.26
N ALA A 208 21.37 -15.18 16.41
CA ALA A 208 21.15 -14.40 17.62
C ALA A 208 21.79 -13.03 17.55
N THR A 209 22.78 -12.83 16.67
CA THR A 209 23.48 -11.55 16.60
C THR A 209 22.68 -10.51 15.83
N ALA A 210 22.24 -10.84 14.61
CA ALA A 210 21.57 -9.89 13.73
C ALA A 210 20.08 -10.19 13.58
N LYS A 211 19.46 -10.75 14.63
CA LYS A 211 18.03 -11.04 14.58
C LYS A 211 17.21 -9.77 14.43
N ASP A 212 17.56 -8.72 15.17
CA ASP A 212 16.81 -7.47 15.09
C ASP A 212 16.91 -6.82 13.72
N TRP A 213 18.03 -7.04 13.01
CA TRP A 213 18.13 -6.52 11.65
C TRP A 213 17.32 -7.37 10.67
N TRP A 214 17.29 -8.69 10.87
CA TRP A 214 16.43 -9.54 10.06
C TRP A 214 14.97 -9.17 10.23
N LEU A 215 14.55 -8.87 11.46
CA LEU A 215 13.19 -8.41 11.69
C LEU A 215 12.96 -7.04 11.05
N PHE A 216 13.96 -6.17 11.10
CA PHE A 216 13.78 -4.83 10.54
C PHE A 216 13.84 -4.84 9.03
N SER A 217 14.67 -5.71 8.45
CA SER A 217 14.82 -5.73 7.00
C SER A 217 13.69 -6.49 6.32
N PHE A 218 13.27 -7.61 6.90
CA PHE A 218 12.30 -8.48 6.23
C PHE A 218 10.86 -8.22 6.64
N TYR A 219 10.61 -7.83 7.89
CA TYR A 219 9.25 -7.63 8.38
C TYR A 219 8.84 -6.17 8.43
N PHE A 220 9.55 -5.30 7.70
CA PHE A 220 9.17 -3.89 7.65
C PHE A 220 9.69 -3.23 6.38
N CYS A 221 11.01 -3.27 6.17
CA CYS A 221 11.60 -2.61 5.01
C CYS A 221 11.21 -3.30 3.71
N LEU A 222 11.27 -4.63 3.67
CA LEU A 222 10.93 -5.33 2.44
C LEU A 222 9.44 -5.24 2.11
N PRO A 223 8.50 -5.43 3.04
CA PRO A 223 7.09 -5.28 2.65
C PRO A 223 6.73 -3.86 2.27
N LEU A 224 7.27 -2.86 2.96
CA LEU A 224 7.00 -1.48 2.57
C LEU A 224 7.58 -1.17 1.20
N ALA A 225 8.77 -1.69 0.89
CA ALA A 225 9.37 -1.45 -0.42
C ALA A 225 8.63 -2.20 -1.51
N ILE A 226 8.18 -3.43 -1.23
CA ILE A 226 7.49 -4.21 -2.24
C ILE A 226 6.10 -3.63 -2.50
N THR A 227 5.37 -3.29 -1.44
CA THR A 227 4.02 -2.75 -1.62
C THR A 227 4.06 -1.38 -2.30
N ALA A 228 5.00 -0.53 -1.90
CA ALA A 228 5.10 0.80 -2.51
C ALA A 228 5.45 0.70 -3.99
N PHE A 229 6.22 -0.32 -4.38
CA PHE A 229 6.57 -0.49 -5.78
C PHE A 229 5.36 -0.90 -6.61
N PHE A 230 4.66 -1.95 -6.17
CA PHE A 230 3.51 -2.44 -6.94
C PHE A 230 2.31 -1.51 -6.86
N TYR A 231 2.16 -0.79 -5.74
CA TYR A 231 1.13 0.24 -5.68
C TYR A 231 1.41 1.34 -6.70
N THR A 232 2.68 1.71 -6.85
CA THR A 232 3.04 2.74 -7.81
C THR A 232 2.78 2.30 -9.24
N LEU A 233 3.15 1.05 -9.57
CA LEU A 233 2.86 0.53 -10.90
C LEU A 233 1.36 0.44 -11.15
N MET A 234 0.57 0.16 -10.11
CA MET A 234 -0.87 0.06 -10.27
C MET A 234 -1.49 1.41 -10.63
N THR A 235 -1.15 2.45 -9.85
CA THR A 235 -1.71 3.77 -10.11
C THR A 235 -1.21 4.38 -11.42
N CYS A 236 -0.03 3.95 -11.89
CA CYS A 236 0.44 4.40 -13.20
C CYS A 236 -0.45 3.85 -14.31
N GLU A 237 -0.86 2.59 -14.20
CA GLU A 237 -1.81 2.04 -15.16
C GLU A 237 -3.20 2.63 -14.96
N MET A 238 -3.58 2.92 -13.71
CA MET A 238 -4.84 3.62 -13.47
C MET A 238 -4.82 5.00 -14.12
N LEU A 239 -3.65 5.65 -14.13
CA LEU A 239 -3.55 6.95 -14.78
C LEU A 239 -3.81 6.85 -16.27
N ARG A 240 -3.31 5.79 -16.91
CA ARG A 240 -3.51 5.63 -18.35
C ARG A 240 -4.98 5.38 -18.68
N LYS A 241 -5.72 4.74 -17.78
CA LYS A 241 -7.15 4.51 -18.01
C LYS A 241 -7.97 5.76 -17.72
N ASN A 242 -7.52 6.62 -16.81
CA ASN A 242 -8.20 7.88 -16.59
C ASN A 242 -8.13 8.76 -17.84
N ILE A 243 -6.95 8.83 -18.47
CA ILE A 243 -6.78 9.67 -19.65
C ILE A 243 -7.61 9.13 -20.81
N PHE A 244 -7.65 7.80 -20.98
CA PHE A 244 -8.45 7.21 -22.04
C PHE A 244 -9.93 7.51 -21.85
N GLU A 245 -10.43 7.40 -20.61
CA GLU A 245 -11.82 7.75 -20.34
C GLU A 245 -12.04 9.25 -20.53
N MET A 246 -11.06 10.06 -20.17
CA MET A 246 -11.17 11.50 -20.39
C MET A 246 -11.33 11.81 -21.87
N LEU A 247 -10.46 11.23 -22.71
CA LEU A 247 -10.51 11.54 -24.14
C LEU A 247 -11.67 10.87 -24.84
N ARG A 248 -12.15 9.73 -24.33
CA ARG A 248 -13.35 9.11 -24.89
C ARG A 248 -14.57 9.99 -24.67
N ILE A 249 -14.69 10.58 -23.48
CA ILE A 249 -15.82 11.44 -23.19
C ILE A 249 -15.74 12.73 -24.00
N ASP A 250 -14.55 13.30 -24.11
CA ASP A 250 -14.41 14.60 -24.77
C ASP A 250 -14.42 14.47 -26.29
N GLU A 251 -13.60 13.57 -26.83
CA GLU A 251 -13.42 13.46 -28.27
C GLU A 251 -14.32 12.43 -28.93
N GLY A 252 -14.55 11.31 -28.28
CA GLY A 252 -15.45 10.29 -28.84
C GLY A 252 -14.68 9.06 -29.29
N LEU A 253 -15.29 7.90 -29.09
CA LEU A 253 -14.70 6.62 -29.47
C LEU A 253 -15.47 6.06 -30.67
N ARG A 254 -14.78 5.85 -31.77
CA ARG A 254 -15.36 5.25 -32.97
C ARG A 254 -14.64 3.94 -33.25
N LEU A 255 -15.38 2.84 -33.23
CA LEU A 255 -14.81 1.52 -33.41
C LEU A 255 -14.91 1.02 -34.85
N LYS A 256 -15.52 1.78 -35.74
CA LYS A 256 -15.57 1.49 -37.15
C LYS A 256 -14.93 2.63 -37.93
N ILE A 257 -14.34 2.30 -39.08
CA ILE A 257 -13.67 3.32 -39.88
C ILE A 257 -14.67 4.39 -40.29
N TYR A 258 -14.26 5.64 -40.16
CA TYR A 258 -15.10 6.78 -40.52
C TYR A 258 -14.22 7.88 -41.10
N LYS A 259 -14.86 8.82 -41.79
CA LYS A 259 -14.17 9.98 -42.33
C LYS A 259 -14.29 11.15 -41.36
N ASP A 260 -13.19 11.85 -41.15
CA ASP A 260 -13.17 13.01 -40.26
C ASP A 260 -13.77 14.22 -40.96
N THR A 261 -13.57 15.40 -40.38
CA THR A 261 -14.13 16.61 -40.97
C THR A 261 -13.48 16.97 -42.30
N GLU A 262 -12.34 16.39 -42.62
CA GLU A 262 -11.64 16.67 -43.87
C GLU A 262 -11.78 15.55 -44.89
N GLY A 263 -12.50 14.48 -44.56
CA GLY A 263 -12.68 13.37 -45.45
C GLY A 263 -11.67 12.25 -45.32
N TYR A 264 -10.77 12.32 -44.33
CA TYR A 264 -9.74 11.31 -44.16
C TYR A 264 -10.23 10.17 -43.26
N TYR A 265 -9.83 8.95 -43.61
CA TYR A 265 -10.27 7.79 -42.86
C TYR A 265 -9.64 7.74 -41.48
N THR A 266 -10.46 7.51 -40.46
CA THR A 266 -10.05 7.63 -39.06
C THR A 266 -10.72 6.51 -38.27
N ILE A 267 -10.07 6.11 -37.17
CA ILE A 267 -10.57 5.07 -36.29
C ILE A 267 -10.22 5.45 -34.86
N GLY A 268 -10.92 4.84 -33.90
CA GLY A 268 -10.57 5.01 -32.51
C GLY A 268 -10.84 6.42 -32.00
N ILE A 269 -9.91 6.93 -31.20
CA ILE A 269 -9.98 8.29 -30.67
C ILE A 269 -9.11 9.13 -31.59
N GLY A 270 -9.70 9.56 -32.69
CA GLY A 270 -9.07 10.53 -33.59
C GLY A 270 -7.77 10.06 -34.22
N HIS A 271 -7.63 8.76 -34.46
CA HIS A 271 -6.41 8.21 -35.03
C HIS A 271 -6.50 8.20 -36.55
N LEU A 272 -5.72 9.06 -37.19
CA LEU A 272 -5.67 9.10 -38.65
C LEU A 272 -5.05 7.81 -39.19
N LEU A 273 -5.73 7.19 -40.15
CA LEU A 273 -5.23 5.97 -40.78
C LEU A 273 -4.41 6.28 -42.04
N THR A 274 -4.97 7.06 -42.95
CA THR A 274 -4.28 7.43 -44.18
C THR A 274 -5.00 8.63 -44.79
N LYS A 275 -4.28 9.33 -45.67
CA LYS A 275 -4.86 10.38 -46.47
C LYS A 275 -5.34 9.89 -47.82
N SER A 276 -5.29 8.58 -48.06
CA SER A 276 -5.73 7.99 -49.31
C SER A 276 -7.26 7.95 -49.37
N PRO A 277 -7.85 8.22 -50.54
CA PRO A 277 -9.30 8.10 -50.68
C PRO A 277 -9.79 6.66 -50.80
N SER A 278 -8.88 5.69 -50.79
CA SER A 278 -9.25 4.27 -50.91
C SER A 278 -9.54 3.72 -49.52
N LEU A 279 -10.82 3.46 -49.24
CA LEU A 279 -11.20 2.81 -47.99
C LEU A 279 -10.47 1.50 -47.81
N ASN A 280 -10.27 0.77 -48.91
CA ASN A 280 -9.56 -0.49 -48.86
C ASN A 280 -8.10 -0.30 -48.42
N ALA A 281 -7.45 0.75 -48.92
CA ALA A 281 -6.10 1.06 -48.45
C ALA A 281 -6.11 1.45 -46.97
N ALA A 282 -7.14 2.20 -46.54
CA ALA A 282 -7.24 2.57 -45.14
C ALA A 282 -7.43 1.34 -44.25
N LYS A 283 -8.14 0.33 -44.74
CA LYS A 283 -8.34 -0.88 -43.94
C LYS A 283 -7.03 -1.62 -43.72
N SER A 284 -6.15 -1.62 -44.73
CA SER A 284 -4.86 -2.27 -44.57
C SER A 284 -3.97 -1.50 -43.61
N GLU A 285 -4.08 -0.16 -43.60
CA GLU A 285 -3.36 0.62 -42.59
C GLU A 285 -3.85 0.26 -41.19
N LEU A 286 -5.16 0.08 -41.03
CA LEU A 286 -5.71 -0.35 -39.76
C LEU A 286 -5.16 -1.71 -39.36
N ASP A 287 -5.16 -2.66 -40.30
CA ASP A 287 -4.67 -4.00 -39.99
C ASP A 287 -3.20 -3.97 -39.59
N LYS A 288 -2.41 -3.08 -40.20
CA LYS A 288 -1.02 -2.94 -39.79
C LYS A 288 -0.91 -2.37 -38.37
N ALA A 289 -1.75 -1.38 -38.04
CA ALA A 289 -1.67 -0.76 -36.73
C ALA A 289 -2.18 -1.67 -35.63
N ILE A 290 -3.20 -2.49 -35.91
CA ILE A 290 -3.76 -3.36 -34.89
C ILE A 290 -3.08 -4.72 -34.83
N GLY A 291 -2.36 -5.11 -35.89
CA GLY A 291 -1.79 -6.43 -35.93
C GLY A 291 -2.82 -7.53 -36.12
N ARG A 292 -3.94 -7.20 -36.75
CA ARG A 292 -5.07 -8.11 -36.88
C ARG A 292 -5.85 -7.75 -38.13
N ASN A 293 -6.52 -8.75 -38.70
CA ASN A 293 -7.45 -8.50 -39.80
C ASN A 293 -8.77 -8.07 -39.19
N THR A 294 -9.04 -6.76 -39.22
CA THR A 294 -10.18 -6.20 -38.51
C THR A 294 -11.41 -6.02 -39.39
N ASN A 295 -11.23 -5.94 -40.71
CA ASN A 295 -12.31 -5.64 -41.64
C ASN A 295 -13.01 -4.32 -41.29
N GLY A 296 -12.25 -3.36 -40.77
CA GLY A 296 -12.77 -2.04 -40.46
C GLY A 296 -13.36 -1.88 -39.08
N VAL A 297 -13.47 -2.95 -38.30
CA VAL A 297 -14.07 -2.91 -36.98
C VAL A 297 -13.03 -3.37 -35.96
N ILE A 298 -12.77 -2.54 -34.96
CA ILE A 298 -11.84 -2.87 -33.89
C ILE A 298 -12.60 -2.94 -32.58
N THR A 299 -11.93 -3.44 -31.55
CA THR A 299 -12.50 -3.56 -30.22
C THR A 299 -12.06 -2.39 -29.35
N LYS A 300 -12.75 -2.22 -28.22
CA LYS A 300 -12.43 -1.13 -27.32
C LYS A 300 -11.01 -1.25 -26.77
N ASP A 301 -10.59 -2.47 -26.46
CA ASP A 301 -9.24 -2.68 -25.95
C ASP A 301 -8.18 -2.38 -27.01
N GLU A 302 -8.50 -2.62 -28.28
CA GLU A 302 -7.57 -2.28 -29.35
C GLU A 302 -7.52 -0.77 -29.58
N ALA A 303 -8.67 -0.10 -29.48
CA ALA A 303 -8.67 1.36 -29.53
C ALA A 303 -7.90 1.97 -28.37
N GLU A 304 -7.91 1.31 -27.21
CA GLU A 304 -7.20 1.83 -26.05
C GLU A 304 -5.69 1.65 -26.22
N LYS A 305 -5.26 0.47 -26.66
CA LYS A 305 -3.84 0.27 -26.96
C LYS A 305 -3.36 1.23 -28.04
N LEU A 306 -4.18 1.43 -29.08
CA LEU A 306 -3.85 2.42 -30.10
C LEU A 306 -3.81 3.82 -29.51
N PHE A 307 -4.68 4.10 -28.53
CA PHE A 307 -4.69 5.43 -27.92
C PHE A 307 -3.47 5.64 -27.03
N ASN A 308 -3.06 4.61 -26.29
CA ASN A 308 -1.89 4.74 -25.43
C ASN A 308 -0.62 5.00 -26.24
N GLN A 309 -0.55 4.44 -27.45
CA GLN A 309 0.57 4.77 -28.34
C GLN A 309 0.48 6.21 -28.80
N ASP A 310 -0.74 6.70 -29.09
CA ASP A 310 -0.90 8.08 -29.51
C ASP A 310 -0.53 9.06 -28.41
N VAL A 311 -0.79 8.69 -27.15
CA VAL A 311 -0.41 9.54 -26.04
C VAL A 311 1.11 9.60 -25.91
N ASP A 312 1.77 8.45 -25.97
CA ASP A 312 3.23 8.43 -25.89
C ASP A 312 3.85 9.23 -27.04
N ALA A 313 3.27 9.13 -28.24
CA ALA A 313 3.73 9.96 -29.34
C ALA A 313 3.45 11.44 -29.06
N ALA A 314 2.28 11.74 -28.48
CA ALA A 314 1.95 13.12 -28.17
C ALA A 314 2.87 13.68 -27.09
N VAL A 315 3.20 12.89 -26.07
CA VAL A 315 4.08 13.36 -25.01
C VAL A 315 5.49 13.58 -25.55
N ARG A 316 5.95 12.72 -26.45
CA ARG A 316 7.29 12.88 -27.02
C ARG A 316 7.39 14.18 -27.81
N GLY A 317 6.32 14.55 -28.51
CA GLY A 317 6.33 15.82 -29.22
C GLY A 317 6.25 17.01 -28.29
N ILE A 318 5.53 16.87 -27.17
CA ILE A 318 5.45 17.93 -26.18
C ILE A 318 6.83 18.17 -25.56
N LEU A 319 7.51 17.09 -25.18
CA LEU A 319 8.82 17.22 -24.56
C LEU A 319 9.87 17.74 -25.53
N ARG A 320 9.64 17.60 -26.84
CA ARG A 320 10.51 18.19 -27.85
C ARG A 320 10.05 19.59 -28.26
N ASN A 321 9.00 20.12 -27.64
CA ASN A 321 8.46 21.43 -27.97
C ASN A 321 8.90 22.43 -26.90
N ALA A 322 9.57 23.50 -27.33
CA ALA A 322 10.17 24.41 -26.38
C ALA A 322 9.14 25.19 -25.58
N LYS A 323 7.93 25.37 -26.14
CA LYS A 323 6.91 26.16 -25.48
C LYS A 323 5.96 25.34 -24.63
N LEU A 324 5.89 24.02 -24.85
CA LEU A 324 5.05 23.15 -24.04
C LEU A 324 5.82 22.34 -23.02
N LYS A 325 7.12 22.10 -23.23
CA LYS A 325 7.90 21.30 -22.31
C LYS A 325 7.98 21.88 -20.91
N PRO A 326 8.31 23.18 -20.71
CA PRO A 326 8.38 23.69 -19.33
C PRO A 326 7.06 23.61 -18.59
N VAL A 327 5.96 23.91 -19.28
CA VAL A 327 4.64 23.80 -18.67
C VAL A 327 4.35 22.35 -18.30
N TYR A 328 4.63 21.44 -19.23
CA TYR A 328 4.31 20.03 -19.00
C TYR A 328 5.11 19.45 -17.85
N ASP A 329 6.39 19.79 -17.76
CA ASP A 329 7.24 19.25 -16.69
C ASP A 329 6.78 19.73 -15.32
N SER A 330 6.25 20.95 -15.23
CA SER A 330 5.85 21.49 -13.94
C SER A 330 4.46 21.02 -13.49
N LEU A 331 3.64 20.53 -14.41
CA LEU A 331 2.29 20.10 -14.06
C LEU A 331 2.31 18.72 -13.42
N ASP A 332 1.29 18.47 -12.60
CA ASP A 332 1.09 17.14 -12.03
C ASP A 332 0.43 16.23 -13.08
N ALA A 333 0.16 14.99 -12.68
CA ALA A 333 -0.33 13.99 -13.62
C ALA A 333 -1.71 14.35 -14.17
N VAL A 334 -2.63 14.76 -13.28
CA VAL A 334 -3.99 15.06 -13.71
C VAL A 334 -3.99 16.23 -14.68
N ARG A 335 -3.21 17.27 -14.40
CA ARG A 335 -3.19 18.44 -15.26
C ARG A 335 -2.41 18.21 -16.54
N ARG A 336 -1.41 17.31 -16.50
CA ARG A 336 -0.75 16.90 -17.74
C ARG A 336 -1.74 16.25 -18.70
N ALA A 337 -2.70 15.49 -18.15
CA ALA A 337 -3.73 14.90 -19.00
C ALA A 337 -4.58 15.97 -19.67
N ALA A 338 -4.90 17.03 -18.92
CA ALA A 338 -5.70 18.12 -19.50
C ALA A 338 -4.94 18.81 -20.62
N LEU A 339 -3.63 18.95 -20.48
CA LEU A 339 -2.82 19.54 -21.56
C LEU A 339 -2.74 18.60 -22.75
N ILE A 340 -2.58 17.30 -22.50
CA ILE A 340 -2.63 16.32 -23.59
C ILE A 340 -3.98 16.34 -24.28
N ASN A 341 -5.04 16.55 -23.51
CA ASN A 341 -6.38 16.68 -24.08
C ASN A 341 -6.44 17.81 -25.11
N MET A 342 -5.82 18.95 -24.79
CA MET A 342 -5.84 20.09 -25.71
C MET A 342 -5.00 19.82 -26.95
N VAL A 343 -3.88 19.11 -26.81
CA VAL A 343 -3.05 18.80 -27.96
C VAL A 343 -3.77 17.85 -28.90
N PHE A 344 -4.54 16.91 -28.34
CA PHE A 344 -5.33 16.00 -29.18
C PHE A 344 -6.36 16.76 -30.00
N GLN A 345 -6.95 17.82 -29.43
CA GLN A 345 -8.01 18.54 -30.11
C GLN A 345 -7.46 19.55 -31.11
N MET A 346 -6.37 20.23 -30.76
CA MET A 346 -5.90 21.37 -31.54
C MET A 346 -4.50 21.21 -32.09
N GLY A 347 -3.71 20.26 -31.61
CA GLY A 347 -2.34 20.10 -32.04
C GLY A 347 -1.37 20.92 -31.20
N GLU A 348 -0.09 20.60 -31.35
CA GLU A 348 0.95 21.29 -30.59
C GLU A 348 0.94 22.79 -30.85
N THR A 349 0.88 23.18 -32.12
CA THR A 349 0.97 24.60 -32.47
C THR A 349 -0.19 25.38 -31.88
N GLY A 350 -1.41 24.88 -32.04
CA GLY A 350 -2.58 25.59 -31.52
C GLY A 350 -2.57 25.75 -30.02
N VAL A 351 -2.00 24.79 -29.29
CA VAL A 351 -1.92 24.91 -27.84
C VAL A 351 -0.85 25.91 -27.43
N ALA A 352 0.29 25.90 -28.12
CA ALA A 352 1.35 26.85 -27.81
C ALA A 352 0.93 28.30 -28.01
N GLY A 353 -0.17 28.53 -28.75
CA GLY A 353 -0.68 29.88 -28.93
C GLY A 353 -1.28 30.47 -27.67
N PHE A 354 -1.71 29.63 -26.73
CA PHE A 354 -2.20 30.10 -25.43
C PHE A 354 -1.03 30.49 -24.54
N THR A 355 -0.21 31.42 -25.05
CA THR A 355 1.04 31.77 -24.40
C THR A 355 0.84 32.27 -22.98
N ASN A 356 -0.23 33.03 -22.74
CA ASN A 356 -0.46 33.61 -21.43
C ASN A 356 -1.04 32.59 -20.45
N SER A 357 -2.03 31.82 -20.91
CA SER A 357 -2.64 30.81 -20.03
C SER A 357 -1.64 29.73 -19.66
N LEU A 358 -0.76 29.35 -20.60
CA LEU A 358 0.28 28.37 -20.29
C LEU A 358 1.24 28.90 -19.25
N ARG A 359 1.59 30.18 -19.32
CA ARG A 359 2.43 30.81 -18.30
C ARG A 359 1.79 30.68 -16.92
N MET A 360 0.48 30.94 -16.84
CA MET A 360 -0.21 30.87 -15.55
C MET A 360 -0.26 29.44 -15.02
N LEU A 361 -0.38 28.46 -15.91
CA LEU A 361 -0.37 27.07 -15.47
C LEU A 361 1.00 26.68 -14.91
N GLN A 362 2.07 27.19 -15.51
CA GLN A 362 3.41 26.87 -15.03
C GLN A 362 3.68 27.51 -13.68
N GLN A 363 3.15 28.71 -13.46
CA GLN A 363 3.23 29.37 -12.16
C GLN A 363 2.17 28.88 -11.18
N LYS A 364 1.45 27.82 -11.54
CA LYS A 364 0.40 27.22 -10.71
C LYS A 364 -0.71 28.22 -10.40
N ARG A 365 -1.00 29.10 -11.35
CA ARG A 365 -2.07 30.08 -11.20
CA ARG A 365 -2.07 30.08 -11.20
C ARG A 365 -3.34 29.56 -11.88
N TRP A 366 -3.95 28.57 -11.21
CA TRP A 366 -5.08 27.83 -11.75
C TRP A 366 -6.28 28.73 -12.05
N ASP A 367 -6.84 29.36 -11.00
CA ASP A 367 -8.08 30.13 -11.18
C ASP A 367 -7.92 31.21 -12.24
N GLU A 368 -6.79 31.91 -12.25
CA GLU A 368 -6.53 32.90 -13.28
C GLU A 368 -6.50 32.24 -14.66
N ALA A 369 -5.79 31.11 -14.77
CA ALA A 369 -5.74 30.40 -16.04
C ALA A 369 -7.12 29.88 -16.44
N ALA A 370 -7.90 29.42 -15.45
CA ALA A 370 -9.25 28.95 -15.73
C ALA A 370 -10.12 30.07 -16.30
N VAL A 371 -10.00 31.27 -15.73
CA VAL A 371 -10.77 32.41 -16.24
C VAL A 371 -10.29 32.81 -17.63
N ASN A 372 -8.98 32.84 -17.83
CA ASN A 372 -8.45 33.29 -19.12
C ASN A 372 -8.84 32.34 -20.24
N LEU A 373 -8.79 31.03 -19.99
CA LEU A 373 -9.09 30.05 -21.03
C LEU A 373 -10.54 30.12 -21.47
N ALA A 374 -11.45 30.59 -20.61
CA ALA A 374 -12.86 30.68 -20.94
C ALA A 374 -13.18 31.80 -21.93
N LYS A 375 -12.23 32.67 -22.22
CA LYS A 375 -12.42 33.72 -23.21
C LYS A 375 -12.12 33.28 -24.63
N SER A 376 -11.69 32.04 -24.83
CA SER A 376 -11.15 31.62 -26.10
C SER A 376 -12.25 31.19 -27.06
N ARG A 377 -11.91 31.21 -28.35
CA ARG A 377 -12.78 30.62 -29.36
C ARG A 377 -12.97 29.13 -29.10
N TRP A 378 -11.92 28.47 -28.59
CA TRP A 378 -12.03 27.07 -28.20
C TRP A 378 -13.16 26.86 -27.20
N TYR A 379 -13.28 27.73 -26.21
CA TYR A 379 -14.39 27.66 -25.27
C TYR A 379 -15.71 27.98 -25.95
N ASN A 380 -15.70 28.84 -26.96
CA ASN A 380 -16.93 29.26 -27.61
C ASN A 380 -17.44 28.22 -28.60
N GLN A 381 -16.55 27.42 -29.18
CA GLN A 381 -16.94 26.44 -30.20
C GLN A 381 -17.28 25.09 -29.59
N THR A 382 -16.55 24.66 -28.57
CA THR A 382 -16.81 23.40 -27.88
C THR A 382 -16.86 23.66 -26.37
N PRO A 383 -17.93 24.30 -25.90
CA PRO A 383 -17.96 24.69 -24.49
C PRO A 383 -18.00 23.52 -23.52
N ASN A 384 -18.65 22.42 -23.87
CA ASN A 384 -18.76 21.30 -22.93
C ASN A 384 -17.40 20.68 -22.66
N ARG A 385 -16.66 20.34 -23.72
CA ARG A 385 -15.31 19.80 -23.54
C ARG A 385 -14.39 20.80 -22.87
N ALA A 386 -14.51 22.08 -23.25
CA ALA A 386 -13.63 23.11 -22.70
C ALA A 386 -13.87 23.29 -21.21
N LYS A 387 -15.14 23.28 -20.78
CA LYS A 387 -15.44 23.40 -19.35
C LYS A 387 -14.81 22.27 -18.56
N ARG A 388 -14.87 21.04 -19.09
CA ARG A 388 -14.30 19.90 -18.39
C ARG A 388 -12.78 20.02 -18.27
N VAL A 389 -12.10 20.39 -19.35
CA VAL A 389 -10.65 20.52 -19.31
C VAL A 389 -10.24 21.66 -18.39
N ILE A 390 -10.98 22.77 -18.42
CA ILE A 390 -10.67 23.90 -17.56
C ILE A 390 -10.87 23.53 -16.09
N THR A 391 -11.95 22.81 -15.79
CA THR A 391 -12.16 22.33 -14.41
C THR A 391 -11.01 21.45 -13.97
N THR A 392 -10.50 20.62 -14.87
CA THR A 392 -9.35 19.77 -14.55
C THR A 392 -8.12 20.61 -14.23
N PHE A 393 -7.90 21.69 -14.99
CA PHE A 393 -6.80 22.59 -14.68
C PHE A 393 -7.01 23.29 -13.35
N ARG A 394 -8.23 23.75 -13.08
CA ARG A 394 -8.50 24.51 -11.88
C ARG A 394 -8.34 23.65 -10.62
N THR A 395 -8.92 22.45 -10.64
CA THR A 395 -8.96 21.60 -9.44
C THR A 395 -7.83 20.58 -9.37
N GLY A 396 -7.36 20.08 -10.51
CA GLY A 396 -6.36 19.04 -10.47
C GLY A 396 -6.91 17.67 -10.12
N THR A 397 -8.21 17.46 -10.34
CA THR A 397 -8.87 16.19 -10.05
C THR A 397 -9.64 15.74 -11.29
N TRP A 398 -10.11 14.50 -11.24
CA TRP A 398 -10.92 13.93 -12.31
C TRP A 398 -12.41 14.15 -12.10
N ASP A 399 -12.78 15.15 -11.30
CA ASP A 399 -14.18 15.33 -10.92
C ASP A 399 -15.07 15.63 -12.12
N ALA A 400 -14.51 16.22 -13.17
CA ALA A 400 -15.28 16.49 -14.38
C ALA A 400 -15.51 15.26 -15.24
N TYR A 401 -14.78 14.17 -14.98
CA TYR A 401 -14.91 12.95 -15.75
C TYR A 401 -15.23 11.74 -14.87
N LEU A 402 -15.77 11.98 -13.68
CA LEU A 402 -16.12 10.89 -12.78
C LEU A 402 -17.11 9.94 -13.46
N ASN A 403 -16.75 8.66 -13.50
CA ASN A 403 -17.58 7.67 -14.16
C ASN A 403 -17.50 6.36 -13.38
N ASP A 404 -18.22 5.35 -13.88
CA ASP A 404 -18.36 4.09 -13.15
C ASP A 404 -17.03 3.39 -12.95
N HIS A 405 -16.19 3.35 -13.98
CA HIS A 405 -14.95 2.58 -13.87
C HIS A 405 -13.91 3.30 -13.02
N LEU A 406 -13.85 4.64 -13.12
CA LEU A 406 -12.90 5.39 -12.31
C LEU A 406 -13.16 5.17 -10.82
N LYS A 407 -14.44 5.12 -10.43
CA LYS A 407 -14.77 4.91 -9.02
C LYS A 407 -14.27 3.56 -8.53
N GLN A 408 -14.39 2.52 -9.34
CA GLN A 408 -13.90 1.20 -8.95
C GLN A 408 -12.39 1.20 -8.76
N ARG A 409 -11.66 1.77 -9.72
CA ARG A 409 -10.21 1.88 -9.58
C ARG A 409 -9.83 2.79 -8.42
N ARG A 410 -10.61 3.85 -8.18
CA ARG A 410 -10.36 4.73 -7.04
C ARG A 410 -10.58 4.02 -5.71
N GLU A 411 -11.59 3.16 -5.63
CA GLU A 411 -11.84 2.42 -4.40
C GLU A 411 -10.75 1.39 -4.14
N VAL A 412 -10.25 0.77 -5.21
CA VAL A 412 -9.18 -0.22 -5.04
C VAL A 412 -7.90 0.46 -4.57
N ALA A 413 -7.53 1.57 -5.20
CA ALA A 413 -6.30 2.26 -4.81
C ALA A 413 -6.37 2.76 -3.37
N LYS A 414 -7.54 3.23 -2.93
CA LYS A 414 -7.70 3.63 -1.54
C LYS A 414 -7.57 2.44 -0.60
N THR A 415 -8.02 1.26 -1.03
CA THR A 415 -8.04 0.10 -0.13
C THR A 415 -6.62 -0.34 0.24
N VAL A 416 -5.75 -0.48 -0.76
CA VAL A 416 -4.41 -0.97 -0.46
C VAL A 416 -3.52 0.13 0.11
N PHE A 417 -3.80 1.40 -0.23
CA PHE A 417 -3.00 2.49 0.34
C PHE A 417 -3.18 2.59 1.84
N CYS A 418 -4.42 2.44 2.33
CA CYS A 418 -4.67 2.56 3.75
C CYS A 418 -4.14 1.35 4.51
N LEU A 419 -4.22 0.16 3.90
CA LEU A 419 -3.75 -1.04 4.58
C LEU A 419 -2.24 -1.01 4.79
N VAL A 420 -1.49 -0.51 3.80
CA VAL A 420 -0.04 -0.41 3.98
C VAL A 420 0.31 0.77 4.87
N LEU A 421 -0.50 1.84 4.85
CA LEU A 421 -0.24 2.96 5.74
C LEU A 421 -0.52 2.60 7.18
N VAL A 422 -1.61 1.87 7.43
CA VAL A 422 -1.88 1.36 8.77
C VAL A 422 -0.74 0.47 9.25
N PHE A 423 -0.21 -0.37 8.36
CA PHE A 423 0.87 -1.26 8.72
C PHE A 423 2.13 -0.48 9.11
N ALA A 424 2.56 0.45 8.24
CA ALA A 424 3.81 1.15 8.47
C ALA A 424 3.77 1.97 9.75
N LEU A 425 2.63 2.59 10.05
CA LEU A 425 2.52 3.40 11.25
C LEU A 425 2.48 2.53 12.50
N CYS A 426 1.76 1.41 12.45
CA CYS A 426 1.61 0.57 13.63
C CYS A 426 2.91 -0.14 14.01
N TRP A 427 3.75 -0.46 13.02
CA TRP A 427 4.96 -1.22 13.27
C TRP A 427 6.21 -0.35 13.29
N LEU A 428 6.08 0.97 13.19
CA LEU A 428 7.23 1.86 13.22
C LEU A 428 7.78 2.01 14.64
N PRO A 429 6.94 2.26 15.66
CA PRO A 429 7.52 2.41 17.01
C PRO A 429 8.24 1.18 17.52
N LEU A 430 7.65 -0.01 17.37
CA LEU A 430 8.33 -1.22 17.82
C LEU A 430 9.63 -1.45 17.05
N HIS A 431 9.58 -1.27 15.72
CA HIS A 431 10.80 -1.40 14.93
C HIS A 431 11.79 -0.29 15.23
N LEU A 432 11.30 0.92 15.53
CA LEU A 432 12.20 2.00 15.92
C LEU A 432 12.88 1.70 17.25
N ALA A 433 12.12 1.20 18.21
CA ALA A 433 12.68 0.95 19.54
C ALA A 433 13.76 -0.12 19.52
N ARG A 434 13.73 -1.02 18.52
CA ARG A 434 14.75 -2.05 18.46
C ARG A 434 16.00 -1.57 17.71
N ILE A 435 15.84 -0.65 16.75
CA ILE A 435 16.99 -0.22 15.96
C ILE A 435 17.80 0.86 16.66
N LEU A 436 17.20 1.63 17.57
CA LEU A 436 18.00 2.55 18.38
C LEU A 436 18.62 1.86 19.59
N LYS A 437 18.11 0.69 19.97
CA LYS A 437 18.80 -0.10 21.00
C LYS A 437 20.09 -0.70 20.45
N LEU A 438 20.12 -1.03 19.16
CA LEU A 438 21.31 -1.62 18.56
C LEU A 438 22.43 -0.59 18.41
N THR A 439 22.07 0.65 18.06
CA THR A 439 23.06 1.65 17.66
C THR A 439 23.46 2.61 18.77
N LEU A 440 22.71 2.67 19.87
CA LEU A 440 23.00 3.62 20.94
C LEU A 440 23.35 2.99 22.27
N TYR A 441 23.24 1.68 22.41
CA TYR A 441 23.58 0.99 23.65
C TYR A 441 25.06 0.65 23.66
N ASN A 442 25.77 1.14 24.68
CA ASN A 442 27.20 0.89 24.85
C ASN A 442 27.44 0.45 26.29
N GLN A 443 27.72 -0.84 26.48
CA GLN A 443 27.77 -1.43 27.82
C GLN A 443 28.87 -0.85 28.70
N ASN A 444 29.80 -0.08 28.14
CA ASN A 444 30.90 0.46 28.92
C ASN A 444 30.57 1.81 29.57
N ASP A 445 29.45 2.43 29.21
CA ASP A 445 29.11 3.71 29.80
C ASP A 445 28.51 3.52 31.19
N PRO A 446 28.74 4.47 32.10
CA PRO A 446 28.15 4.34 33.45
C PRO A 446 26.69 4.71 33.52
N ASN A 447 26.19 5.53 32.61
CA ASN A 447 24.81 6.02 32.65
C ASN A 447 23.92 5.35 31.62
N ARG A 448 24.39 4.29 30.97
CA ARG A 448 23.61 3.64 29.92
C ARG A 448 22.47 2.79 30.46
N CYS A 449 22.51 2.38 31.73
CA CYS A 449 21.51 1.45 32.23
C CYS A 449 20.12 2.07 32.22
N GLU A 450 20.02 3.36 32.51
CA GLU A 450 18.72 4.00 32.67
C GLU A 450 18.13 4.52 31.36
N LEU A 451 18.86 4.42 30.24
CA LEU A 451 18.22 4.65 28.95
C LEU A 451 17.44 3.41 28.52
N LEU A 452 17.82 2.23 29.00
CA LEU A 452 17.01 1.04 28.79
C LEU A 452 15.67 1.13 29.50
N SER A 453 15.62 1.87 30.62
CA SER A 453 14.34 2.15 31.26
C SER A 453 13.44 2.98 30.36
N PHE A 454 14.04 3.77 29.46
CA PHE A 454 13.28 4.45 28.43
C PHE A 454 13.01 3.54 27.23
N LEU A 455 13.91 2.60 26.95
CA LEU A 455 13.61 1.59 25.94
C LEU A 455 12.60 0.58 26.42
N LEU A 456 12.49 0.39 27.75
CA LEU A 456 11.49 -0.52 28.30
C LEU A 456 10.08 -0.02 28.00
N VAL A 457 9.86 1.29 28.10
CA VAL A 457 8.53 1.82 27.84
C VAL A 457 8.26 1.93 26.34
N LEU A 458 9.31 2.05 25.53
CA LEU A 458 9.12 2.07 24.08
C LEU A 458 8.76 0.69 23.56
N ASP A 459 9.44 -0.36 24.05
CA ASP A 459 9.17 -1.71 23.58
C ASP A 459 7.78 -2.19 23.99
N TYR A 460 7.23 -1.67 25.09
CA TYR A 460 5.88 -2.03 25.48
C TYR A 460 4.83 -1.19 24.77
N ILE A 461 5.15 0.07 24.45
CA ILE A 461 4.27 0.86 23.60
C ILE A 461 4.26 0.29 22.19
N GLY A 462 5.43 -0.11 21.67
CA GLY A 462 5.51 -0.73 20.36
C GLY A 462 4.75 -2.03 20.25
N ILE A 463 4.46 -2.68 21.37
CA ILE A 463 3.65 -3.90 21.34
C ILE A 463 2.17 -3.55 21.22
N ASN A 464 1.73 -2.48 21.89
CA ASN A 464 0.35 -2.03 21.74
C ASN A 464 0.10 -1.48 20.34
N MET A 465 1.10 -0.80 19.76
CA MET A 465 0.94 -0.21 18.43
C MET A 465 0.84 -1.29 17.37
N ALA A 466 1.80 -2.23 17.36
CA ALA A 466 1.76 -3.31 16.38
C ALA A 466 0.49 -4.13 16.49
N SER A 467 -0.07 -4.24 17.70
CA SER A 467 -1.35 -4.91 17.90
C SER A 467 -2.53 -4.06 17.45
N LEU A 468 -2.36 -2.74 17.38
CA LEU A 468 -3.42 -1.87 16.89
C LEU A 468 -3.67 -2.08 15.39
N ASN A 469 -2.70 -2.64 14.67
CA ASN A 469 -2.90 -2.97 13.26
C ASN A 469 -4.06 -3.96 13.10
N SER A 470 -4.19 -4.89 14.05
CA SER A 470 -5.32 -5.80 14.04
C SER A 470 -6.65 -5.06 14.15
N CYS A 471 -6.68 -3.97 14.89
CA CYS A 471 -7.89 -3.18 15.05
C CYS A 471 -8.08 -2.14 13.96
N ALA A 472 -6.98 -1.60 13.42
CA ALA A 472 -7.09 -0.52 12.45
C ALA A 472 -7.37 -1.01 11.03
N ASN A 473 -7.15 -2.28 10.74
CA ASN A 473 -7.50 -2.80 9.43
C ASN A 473 -9.02 -2.78 9.18
N PRO A 474 -9.87 -3.25 10.10
CA PRO A 474 -11.32 -3.10 9.86
C PRO A 474 -11.77 -1.65 9.78
N ILE A 475 -11.20 -0.77 10.62
CA ILE A 475 -11.58 0.63 10.59
C ILE A 475 -11.22 1.26 9.25
N ALA A 476 -10.07 0.89 8.70
CA ALA A 476 -9.66 1.42 7.41
C ALA A 476 -10.58 0.93 6.29
N LEU A 477 -10.94 -0.35 6.31
CA LEU A 477 -11.84 -0.89 5.29
C LEU A 477 -13.23 -0.27 5.42
N TYR A 478 -13.66 0.01 6.66
CA TYR A 478 -14.97 0.63 6.86
C TYR A 478 -15.04 2.01 6.24
N LEU A 479 -13.91 2.74 6.22
CA LEU A 479 -13.92 4.13 5.79
C LEU A 479 -13.71 4.29 4.28
N VAL A 480 -13.05 3.35 3.63
CA VAL A 480 -12.72 3.49 2.21
C VAL A 480 -13.56 2.59 1.31
N SER A 481 -14.19 1.55 1.84
CA SER A 481 -14.98 0.62 1.04
C SER A 481 -16.44 0.74 1.45
N LYS A 482 -17.29 1.11 0.48
CA LYS A 482 -18.72 1.24 0.75
C LYS A 482 -19.34 -0.11 1.09
N ARG A 483 -18.84 -1.18 0.47
CA ARG A 483 -19.40 -2.50 0.73
C ARG A 483 -18.99 -3.01 2.12
N PHE A 484 -17.74 -2.76 2.53
CA PHE A 484 -17.32 -3.12 3.88
C PHE A 484 -18.07 -2.29 4.92
N LYS A 485 -18.33 -1.01 4.62
CA LYS A 485 -19.06 -0.15 5.55
C LYS A 485 -20.47 -0.67 5.78
N ASN A 486 -21.13 -1.14 4.74
CA ASN A 486 -22.48 -1.68 4.88
C ASN A 486 -22.47 -3.07 5.50
N ALA A 487 -21.50 -3.90 5.11
CA ALA A 487 -21.41 -5.24 5.70
C ALA A 487 -21.05 -5.17 7.18
N PHE A 488 -20.25 -4.18 7.58
CA PHE A 488 -19.93 -4.01 8.99
C PHE A 488 -21.17 -3.59 9.79
N LYS A 489 -21.95 -2.65 9.25
CA LYS A 489 -23.17 -2.24 9.91
C LYS A 489 -24.17 -3.40 10.00
N SER A 490 -24.16 -4.30 9.02
CA SER A 490 -25.06 -5.45 9.06
C SER A 490 -24.68 -6.40 10.18
N ALA A 491 -23.38 -6.64 10.38
CA ALA A 491 -22.96 -7.58 11.41
C ALA A 491 -23.15 -7.01 12.81
N LEU A 492 -23.12 -5.68 12.95
CA LEU A 492 -23.32 -5.05 14.24
C LEU A 492 -24.69 -4.39 14.28
N CYS A 493 -25.74 -5.17 14.07
CA CYS A 493 -27.11 -4.64 14.02
C CYS A 493 -28.06 -5.50 14.84
C1 SIN B 1 29.92 -12.76 30.77
O1 SIN B 1 30.03 -13.70 29.95
O2 SIN B 1 30.53 -12.85 31.87
C2 SIN B 1 29.07 -11.55 30.46
C3 SIN B 1 29.36 -10.46 31.48
C4 SIN B 1 28.59 -9.21 31.11
O3 SIN B 1 28.20 -8.42 32.00
N ASP B 2 27.58 -9.38 30.11
CA ASP B 2 26.48 -8.45 29.95
C ASP B 2 25.28 -8.87 30.80
N GLU B 3 25.36 -8.61 32.10
CA GLU B 3 24.32 -9.03 33.03
C GLU B 3 23.23 -7.98 33.21
N GLU B 4 23.56 -6.70 33.03
CA GLU B 4 22.52 -5.69 32.96
C GLU B 4 21.68 -5.83 31.71
N ALA B 5 22.18 -6.55 30.70
CA ALA B 5 21.42 -6.78 29.48
C ALA B 5 20.44 -7.93 29.64
N VAL B 6 20.83 -8.98 30.35
CA VAL B 6 19.92 -10.11 30.55
C VAL B 6 18.82 -9.72 31.53
N TYR B 7 19.07 -8.76 32.42
CA TYR B 7 17.99 -8.22 33.24
C TYR B 7 17.05 -7.36 32.41
N PHE B 8 17.57 -6.69 31.39
CA PHE B 8 16.72 -5.96 30.46
C PHE B 8 15.75 -6.91 29.76
N ALA B 9 16.27 -8.02 29.22
CA ALA B 9 15.42 -9.01 28.57
C ALA B 9 14.45 -9.67 29.54
N HIS B 10 14.72 -9.59 30.84
CA HIS B 10 13.78 -10.11 31.83
C HIS B 10 12.58 -9.18 32.01
N LEU B 11 12.81 -7.87 31.94
CA LEU B 11 11.73 -6.89 32.03
C LEU B 11 11.10 -6.59 30.68
N ASP B 12 11.82 -6.81 29.59
CA ASP B 12 11.37 -6.41 28.26
C ASP B 12 10.25 -7.33 27.77
N ILE B 13 9.60 -6.89 26.69
CA ILE B 13 8.58 -7.68 26.01
C ILE B 13 9.26 -8.86 25.32
N ILE B 14 8.45 -9.77 24.77
CA ILE B 14 8.97 -10.89 23.99
C ILE B 14 8.87 -10.51 22.52
N TRP B 15 10.01 -10.28 21.89
CA TRP B 15 10.05 -9.94 20.48
C TRP B 15 11.44 -10.23 19.90
C1 CIT C . -4.32 32.74 -23.69
O1 CIT C . -3.12 32.74 -23.35
O2 CIT C . -5.09 31.85 -23.28
C2 CIT C . -4.93 33.81 -24.58
C3 CIT C . -4.07 34.60 -25.57
O7 CIT C . -4.25 34.06 -26.88
C4 CIT C . -4.56 36.05 -25.56
C5 CIT C . -4.99 36.50 -24.19
O3 CIT C . -4.19 36.47 -23.23
O4 CIT C . -6.17 36.91 -24.05
C6 CIT C . -2.58 34.65 -25.29
O5 CIT C . -2.09 35.67 -24.76
O6 CIT C . -1.90 33.66 -25.58
S SO4 D . -11.72 0.80 -19.08
O1 SO4 D . -11.09 0.33 -20.33
O2 SO4 D . -10.88 1.85 -18.46
O3 SO4 D . -11.84 -0.34 -18.14
O4 SO4 D . -13.06 1.34 -19.37
S SO4 E . -5.17 -12.64 -34.86
O1 SO4 E . -4.34 -11.45 -34.59
O2 SO4 E . -5.75 -12.54 -36.22
O3 SO4 E . -6.26 -12.73 -33.87
O4 SO4 E . -4.33 -13.86 -34.78
S SO4 F . -19.14 20.61 -27.10
O1 SO4 F . -17.78 20.32 -26.59
O2 SO4 F . -19.06 21.02 -28.53
O3 SO4 F . -19.98 19.40 -26.98
O4 SO4 F . -19.74 21.71 -26.32
S SO4 G . -11.72 1.26 -52.43
O1 SO4 G . -10.24 1.13 -52.35
O2 SO4 G . -12.11 2.65 -52.10
O3 SO4 G . -12.35 0.33 -51.48
O4 SO4 G . -12.15 0.93 -53.81
C18 OLC H . 10.95 1.64 -3.82
C10 OLC H . 10.36 -5.99 -6.62
C9 OLC H . 10.35 -7.27 -6.97
C17 OLC H . 11.47 0.22 -3.71
C11 OLC H . 11.20 -5.54 -5.45
C8 OLC H . 11.17 -8.28 -6.20
C24 OLC H . 4.77 -8.78 -12.25
C16 OLC H . 12.02 -0.27 -5.04
C12 OLC H . 10.60 -4.28 -4.86
C7 OLC H . 10.23 -9.12 -5.34
C15 OLC H . 11.68 -1.73 -5.27
C13 OLC H . 11.47 -3.71 -3.74
C6 OLC H . 9.28 -9.94 -6.20
C14 OLC H . 12.42 -2.65 -4.30
C5 OLC H . 8.16 -10.54 -5.37
C4 OLC H . 7.31 -11.50 -6.19
C3 OLC H . 7.01 -10.93 -7.57
C2 OLC H . 5.79 -11.61 -8.18
C21 OLC H . 4.01 -11.02 -11.51
C1 OLC H . 5.61 -11.10 -9.60
C22 OLC H . 3.55 -9.69 -12.11
O19 OLC H . 6.58 -10.93 -10.32
O25 OLC H . 4.44 -7.66 -13.09
O23 OLC H . 2.98 -9.93 -13.40
O20 OLC H . 4.28 -10.82 -10.11
C18 OLC I . -18.20 28.50 2.22
C10 OLC I . -11.98 26.48 -3.71
C9 OLC I . -10.83 26.75 -4.33
C17 OLC I . -18.11 27.50 1.09
C11 OLC I . -12.31 27.08 -2.36
C8 OLC I . -9.80 27.65 -3.67
C24 OLC I . -5.33 31.72 -9.32
C16 OLC I . -16.65 27.23 0.72
C12 OLC I . -13.82 27.10 -2.20
C7 OLC I . -9.29 28.65 -4.70
C15 OLC I . -15.92 28.52 0.37
C13 OLC I . -14.31 28.39 -1.55
C6 OLC I . -7.84 28.99 -4.42
C14 OLC I . -14.48 28.24 -0.05
C5 OLC I . -6.95 27.86 -4.91
C4 OLC I . -5.83 27.54 -3.92
C3 OLC I . -4.59 27.08 -4.65
C2 OLC I . -3.70 28.27 -4.96
C21 OLC I . -5.53 29.89 -7.60
C1 OLC I . -3.73 28.61 -6.43
C22 OLC I . -4.78 30.38 -8.82
O19 OLC I . -2.68 28.87 -7.00
O25 OLC I . -4.36 32.31 -10.20
O23 OLC I . -3.40 30.55 -8.48
O20 OLC I . -4.97 28.64 -7.18
C18 OLC J . -11.98 23.80 -6.01
C10 OLC J . -10.72 16.70 -4.15
C9 OLC J . -10.78 15.52 -4.78
C17 OLC J . -11.11 22.59 -5.74
C11 OLC J . -9.42 17.24 -3.60
C8 OLC J . -9.56 14.65 -4.94
C24 OLC J . -6.35 7.64 -0.17
C16 OLC J . -9.65 22.89 -6.06
C12 OLC J . -9.52 18.76 -3.49
C7 OLC J . -10.03 13.29 -5.40
C15 OLC J . -8.74 21.70 -5.72
C13 OLC J . -8.67 19.46 -4.54
C6 OLC J . -9.10 12.21 -4.86
C14 OLC J . -9.53 20.46 -5.31
C5 OLC J . -9.90 11.00 -4.41
C4 OLC J . -8.96 9.82 -4.21
C3 OLC J . -8.34 9.39 -5.53
C2 OLC J . -6.90 8.96 -5.26
C21 OLC J . -5.85 6.77 -2.50
C1 OLC J . -6.86 7.61 -4.59
C22 OLC J . -5.71 7.95 -1.53
O19 OLC J . -7.79 6.83 -4.65
O25 OLC J . -5.86 8.56 0.81
O23 OLC J . -4.33 8.24 -1.35
O20 OLC J . -5.68 7.27 -3.82
#